data_4L57
#
_entry.id   4L57
#
_cell.length_a   39.128
_cell.length_b   46.493
_cell.length_c   61.409
_cell.angle_alpha   68.16
_cell.angle_beta   81.47
_cell.angle_gamma   75.28
#
_symmetry.space_group_name_H-M   'P 1'
#
loop_
_entity.id
_entity.type
_entity.pdbx_description
1 polymer "5'(3')-deoxyribonucleotidase, cytosolic type"
2 non-polymer 'MAGNESIUM ION'
3 non-polymer 'PHOSPHATE ION'
4 non-polymer GLYCEROL
5 non-polymer 'SODIUM ION'
6 water water
#
_entity_poly.entity_id   1
_entity_poly.type   'polypeptide(L)'
_entity_poly.pdbx_seq_one_letter_code
;MARSVRVLVDMDGVLADFEAGLLRGFRRRFPEEPHVPLEQRRGFLAREQYRALRPDLADKVASVYEAPGFFLDLEPIPGA
LDAVREMNDLPDTQVFICTSPLLKYHHCVGEKYRWVEQHLGPQFVERIILTRDKTVVLGDLLIDDKDTVRGQEETPSWEH
ILFTCCHNRHLVLPPTRRRLLSWSDNWREILDSKR
;
_entity_poly.pdbx_strand_id   A,B
#
loop_
_chem_comp.id
_chem_comp.type
_chem_comp.name
_chem_comp.formula
GOL non-polymer GLYCEROL 'C3 H8 O3'
MG non-polymer 'MAGNESIUM ION' 'Mg 2'
NA non-polymer 'SODIUM ION' 'Na 1'
PO4 non-polymer 'PHOSPHATE ION' 'O4 P -3'
#
# COMPACT_ATOMS: atom_id res chain seq x y z
N SER A 4 19.59 -22.86 -19.92
CA SER A 4 19.69 -21.80 -18.89
C SER A 4 18.88 -20.52 -19.13
N VAL A 5 18.17 -20.08 -18.12
CA VAL A 5 17.36 -18.88 -18.24
C VAL A 5 18.02 -17.75 -17.45
N ARG A 6 18.28 -16.64 -18.11
CA ARG A 6 18.92 -15.48 -17.48
C ARG A 6 17.85 -14.42 -17.25
N VAL A 7 17.70 -14.07 -15.99
CA VAL A 7 16.72 -13.09 -15.52
C VAL A 7 17.46 -11.84 -15.04
N LEU A 8 17.11 -10.74 -15.64
CA LEU A 8 17.57 -9.40 -15.23
C LEU A 8 16.49 -8.83 -14.32
N VAL A 9 16.84 -8.53 -13.11
CA VAL A 9 15.93 -8.06 -12.08
C VAL A 9 16.27 -6.60 -11.79
N ASP A 10 15.31 -5.73 -12.03
CA ASP A 10 15.47 -4.32 -11.73
C ASP A 10 15.60 -4.09 -10.22
N MET A 11 16.12 -2.95 -9.84
CA MET A 11 16.32 -2.59 -8.44
C MET A 11 15.24 -1.67 -7.94
N ASP A 12 15.21 -0.39 -8.32
CA ASP A 12 14.16 0.49 -7.82
C ASP A 12 12.82 0.05 -8.34
N GLY A 13 11.84 -0.12 -7.43
CA GLY A 13 10.51 -0.52 -7.73
C GLY A 13 10.27 -2.01 -7.81
N VAL A 14 11.36 -2.78 -7.75
CA VAL A 14 11.24 -4.25 -7.85
C VAL A 14 11.90 -4.90 -6.66
N LEU A 15 13.11 -4.47 -6.28
CA LEU A 15 13.77 -4.93 -5.06
C LEU A 15 13.70 -3.89 -3.93
N ALA A 16 13.89 -2.61 -4.28
CA ALA A 16 14.01 -1.50 -3.35
C ALA A 16 12.86 -0.54 -3.56
N ASP A 17 12.21 -0.12 -2.47
CA ASP A 17 10.99 0.70 -2.58
C ASP A 17 11.34 2.18 -2.64
N PHE A 18 11.73 2.61 -3.83
CA PHE A 18 12.06 3.99 -4.11
C PHE A 18 10.90 4.91 -3.85
N GLU A 19 9.74 4.59 -4.37
CA GLU A 19 8.61 5.51 -4.27
C GLU A 19 8.23 5.73 -2.83
N ALA A 20 8.18 4.69 -2.00
CA ALA A 20 7.83 4.87 -0.61
C ALA A 20 8.91 5.69 0.09
N GLY A 21 10.16 5.47 -0.25
CA GLY A 21 11.25 6.21 0.35
C GLY A 21 11.18 7.68 -0.05
N LEU A 22 10.87 7.96 -1.28
CA LEU A 22 10.77 9.33 -1.73
CA LEU A 22 10.71 9.32 -1.78
C LEU A 22 9.67 10.05 -0.97
N LEU A 23 8.48 9.46 -0.86
CA LEU A 23 7.37 10.12 -0.21
C LEU A 23 7.69 10.29 1.25
N ARG A 24 8.21 9.30 1.93
CA ARG A 24 8.50 9.50 3.36
CA ARG A 24 8.61 9.43 3.33
C ARG A 24 9.55 10.58 3.55
N GLY A 25 10.57 10.65 2.71
CA GLY A 25 11.58 11.69 2.85
C GLY A 25 11.01 13.07 2.54
N PHE A 26 10.13 13.15 1.58
CA PHE A 26 9.50 14.41 1.22
C PHE A 26 8.61 14.90 2.33
N ARG A 27 7.80 14.02 2.93
CA ARG A 27 6.94 14.55 3.98
CA ARG A 27 6.92 14.37 4.04
C ARG A 27 7.74 14.82 5.26
N ARG A 28 8.88 14.18 5.49
CA ARG A 28 9.74 14.51 6.62
C ARG A 28 10.35 15.90 6.41
N ARG A 29 10.95 16.16 5.28
CA ARG A 29 11.77 17.34 5.03
CA ARG A 29 11.75 17.33 5.06
C ARG A 29 10.91 18.55 4.63
N PHE A 30 9.78 18.30 3.96
CA PHE A 30 8.89 19.33 3.43
C PHE A 30 7.49 19.13 3.97
N PRO A 31 7.29 19.12 5.30
CA PRO A 31 6.00 18.72 5.87
C PRO A 31 4.85 19.65 5.52
N GLU A 32 5.13 20.92 5.24
CA GLU A 32 4.09 21.89 4.94
C GLU A 32 3.60 21.81 3.50
N GLU A 33 4.39 21.20 2.61
CA GLU A 33 4.12 21.21 1.19
CA GLU A 33 4.02 21.26 1.22
C GLU A 33 3.08 20.17 0.76
N PRO A 34 2.35 20.51 -0.30
CA PRO A 34 1.52 19.45 -0.94
C PRO A 34 2.38 18.27 -1.40
N HIS A 35 1.80 17.09 -1.39
CA HIS A 35 2.55 15.89 -1.86
C HIS A 35 1.66 15.06 -2.76
N VAL A 36 2.25 14.03 -3.36
CA VAL A 36 1.54 13.09 -4.22
C VAL A 36 1.35 11.77 -3.49
N PRO A 37 0.14 11.44 -3.02
CA PRO A 37 -0.06 10.14 -2.42
C PRO A 37 0.36 9.03 -3.36
N LEU A 38 0.83 7.89 -2.80
CA LEU A 38 1.45 6.88 -3.69
C LEU A 38 0.49 6.40 -4.77
N GLU A 39 -0.77 6.15 -4.42
CA GLU A 39 -1.70 5.64 -5.41
CA GLU A 39 -1.63 5.60 -5.49
C GLU A 39 -2.17 6.69 -6.42
N GLN A 40 -1.80 7.94 -6.13
N GLN A 40 -1.87 7.99 -6.28
CA GLN A 40 -2.03 9.03 -7.07
CA GLN A 40 -2.09 8.96 -7.35
C GLN A 40 -0.88 9.17 -8.07
C GLN A 40 -0.89 9.10 -8.27
N ARG A 41 0.21 8.43 -7.94
CA ARG A 41 1.35 8.54 -8.83
C ARG A 41 1.01 8.01 -10.24
N ARG A 42 1.44 8.77 -11.26
CA ARG A 42 1.28 8.40 -12.65
C ARG A 42 2.54 8.82 -13.36
N GLY A 43 3.09 7.91 -14.18
CA GLY A 43 4.29 8.22 -14.94
C GLY A 43 5.53 7.94 -14.18
N PHE A 44 6.56 7.50 -14.89
CA PHE A 44 7.78 7.05 -14.28
C PHE A 44 8.52 8.16 -13.51
N LEU A 45 8.49 9.38 -13.98
CA LEU A 45 9.26 10.45 -13.41
C LEU A 45 8.46 11.16 -12.32
N ALA A 46 8.70 10.80 -11.06
CA ALA A 46 8.04 11.48 -9.95
C ALA A 46 8.27 12.98 -9.96
N ARG A 47 9.49 13.40 -10.30
CA ARG A 47 9.79 14.82 -10.24
CA ARG A 47 9.81 14.82 -10.26
C ARG A 47 8.87 15.65 -11.13
N GLU A 48 8.50 15.09 -12.29
CA GLU A 48 7.62 15.82 -13.18
C GLU A 48 6.18 15.88 -12.68
N GLN A 49 5.70 14.89 -11.95
CA GLN A 49 4.39 14.96 -11.36
C GLN A 49 4.40 16.00 -10.23
N TYR A 50 5.44 16.06 -9.44
CA TYR A 50 5.57 17.09 -8.40
C TYR A 50 5.64 18.47 -9.05
N ARG A 51 6.36 18.62 -10.16
CA ARG A 51 6.42 19.92 -10.84
C ARG A 51 5.03 20.38 -11.26
N ALA A 52 4.23 19.42 -11.75
CA ALA A 52 2.88 19.70 -12.20
C ALA A 52 2.00 20.15 -11.03
N LEU A 53 2.23 19.53 -9.86
CA LEU A 53 1.50 19.88 -8.65
C LEU A 53 1.79 21.32 -8.27
N ARG A 54 3.08 21.71 -8.24
CA ARG A 54 3.44 23.10 -7.99
C ARG A 54 4.90 23.26 -8.44
N PRO A 55 5.23 24.27 -9.27
CA PRO A 55 6.59 24.32 -9.83
C PRO A 55 7.75 24.20 -8.86
N ASP A 56 7.66 24.78 -7.68
CA ASP A 56 8.79 24.74 -6.73
C ASP A 56 9.02 23.34 -6.16
N LEU A 57 8.06 22.46 -6.30
CA LEU A 57 8.20 21.12 -5.72
C LEU A 57 9.17 20.25 -6.51
N ALA A 58 9.45 20.57 -7.75
CA ALA A 58 10.38 19.72 -8.51
C ALA A 58 11.75 19.66 -7.86
N ASP A 59 12.31 20.81 -7.52
CA ASP A 59 13.65 20.81 -6.94
C ASP A 59 13.61 20.22 -5.53
N LYS A 60 12.49 20.45 -4.82
CA LYS A 60 12.39 19.89 -3.46
C LYS A 60 12.38 18.36 -3.48
N VAL A 61 11.55 17.79 -4.35
CA VAL A 61 11.49 16.33 -4.35
C VAL A 61 12.83 15.78 -4.87
N ALA A 62 13.49 16.41 -5.82
CA ALA A 62 14.82 15.97 -6.30
C ALA A 62 15.80 15.96 -5.15
N SER A 63 15.74 16.95 -4.25
CA SER A 63 16.67 17.04 -3.16
C SER A 63 16.55 15.86 -2.25
N VAL A 64 15.36 15.24 -2.16
CA VAL A 64 15.21 14.02 -1.35
C VAL A 64 15.96 12.84 -1.93
N TYR A 65 15.74 12.51 -3.22
CA TYR A 65 16.38 11.31 -3.78
C TYR A 65 17.83 11.57 -4.18
N GLU A 66 18.29 12.80 -4.20
CA GLU A 66 19.69 13.11 -4.45
C GLU A 66 20.51 13.21 -3.16
N ALA A 67 19.90 13.07 -1.97
CA ALA A 67 20.57 13.26 -0.72
C ALA A 67 21.41 12.05 -0.32
N PRO A 68 22.54 12.25 0.37
CA PRO A 68 23.25 11.10 0.93
C PRO A 68 22.33 10.26 1.80
N GLY A 69 22.48 8.97 1.65
CA GLY A 69 21.68 8.03 2.45
C GLY A 69 20.37 7.60 1.83
N PHE A 70 19.85 8.33 0.87
CA PHE A 70 18.54 8.03 0.35
C PHE A 70 18.48 6.57 -0.20
N PHE A 71 19.38 6.24 -1.09
CA PHE A 71 19.37 4.89 -1.66
C PHE A 71 19.75 3.86 -0.60
N LEU A 72 20.74 4.14 0.25
CA LEU A 72 21.16 3.23 1.28
C LEU A 72 20.01 2.79 2.19
N ASP A 73 19.10 3.73 2.49
CA ASP A 73 18.08 3.50 3.50
C ASP A 73 16.78 2.98 2.92
N LEU A 74 16.62 2.74 1.63
CA LEU A 74 15.35 2.28 1.11
C LEU A 74 14.99 0.92 1.71
N GLU A 75 13.72 0.68 1.93
CA GLU A 75 13.20 -0.57 2.40
C GLU A 75 13.04 -1.54 1.23
N PRO A 76 13.18 -2.84 1.49
CA PRO A 76 12.90 -3.83 0.41
C PRO A 76 11.44 -3.87 0.05
N ILE A 77 11.15 -4.16 -1.19
CA ILE A 77 9.80 -4.49 -1.67
C ILE A 77 9.35 -5.78 -1.03
N PRO A 78 8.12 -5.93 -0.57
CA PRO A 78 7.69 -7.18 0.06
C PRO A 78 7.89 -8.40 -0.84
N GLY A 79 8.51 -9.43 -0.26
CA GLY A 79 8.68 -10.68 -0.98
C GLY A 79 9.86 -10.67 -1.93
N ALA A 80 10.47 -9.48 -2.20
CA ALA A 80 11.48 -9.39 -3.25
C ALA A 80 12.74 -10.15 -2.95
N LEU A 81 13.26 -9.97 -1.73
CA LEU A 81 14.55 -10.57 -1.41
C LEU A 81 14.40 -12.06 -1.35
N ASP A 82 13.34 -12.60 -0.79
CA ASP A 82 13.14 -14.06 -0.81
C ASP A 82 13.00 -14.55 -2.23
N ALA A 83 12.28 -13.83 -3.05
CA ALA A 83 12.10 -14.33 -4.39
C ALA A 83 13.42 -14.38 -5.17
N VAL A 84 14.24 -13.31 -5.04
CA VAL A 84 15.48 -13.34 -5.78
C VAL A 84 16.45 -14.40 -5.25
N ARG A 85 16.46 -14.65 -3.94
CA ARG A 85 17.24 -15.73 -3.39
CA ARG A 85 17.40 -15.70 -3.55
C ARG A 85 16.82 -17.07 -3.95
N GLU A 86 15.50 -17.27 -3.89
CA GLU A 86 14.91 -18.54 -4.44
C GLU A 86 15.27 -18.67 -5.92
N MET A 87 15.14 -17.63 -6.70
CA MET A 87 15.36 -17.64 -8.13
C MET A 87 16.78 -17.99 -8.45
N ASN A 88 17.70 -17.36 -7.71
CA ASN A 88 19.11 -17.60 -7.87
C ASN A 88 19.49 -19.04 -7.60
N ASP A 89 18.80 -19.71 -6.71
CA ASP A 89 19.07 -21.07 -6.32
C ASP A 89 18.40 -22.08 -7.25
N LEU A 90 17.56 -21.70 -8.19
CA LEU A 90 16.96 -22.66 -9.14
C LEU A 90 17.98 -23.24 -10.09
N PRO A 91 17.84 -24.52 -10.43
CA PRO A 91 18.74 -25.05 -11.47
C PRO A 91 18.56 -24.31 -12.76
N ASP A 92 19.65 -24.22 -13.51
CA ASP A 92 19.61 -23.65 -14.87
C ASP A 92 18.95 -22.28 -14.95
N THR A 93 19.31 -21.45 -13.99
CA THR A 93 18.83 -20.07 -13.85
C THR A 93 19.97 -19.20 -13.40
N GLN A 94 20.06 -18.03 -14.00
CA GLN A 94 21.10 -16.99 -13.87
CA GLN A 94 21.05 -17.06 -13.49
C GLN A 94 20.36 -15.70 -13.43
N VAL A 95 20.73 -14.99 -12.40
CA VAL A 95 20.13 -13.71 -12.02
C VAL A 95 21.20 -12.62 -12.04
N PHE A 96 20.86 -11.50 -12.64
CA PHE A 96 21.63 -10.27 -12.49
C PHE A 96 20.68 -9.18 -12.02
N ILE A 97 21.20 -8.28 -11.20
CA ILE A 97 20.45 -7.09 -10.78
C ILE A 97 20.85 -5.97 -11.70
N CYS A 98 19.93 -5.52 -12.57
CA CYS A 98 20.24 -4.60 -13.67
C CYS A 98 19.53 -3.26 -13.39
N THR A 99 20.33 -2.27 -13.04
CA THR A 99 19.83 -1.00 -12.42
C THR A 99 20.51 0.16 -13.08
N SER A 100 19.75 1.25 -13.24
CA SER A 100 20.30 2.47 -13.76
C SER A 100 20.61 3.47 -12.65
N PRO A 101 21.78 4.08 -12.69
CA PRO A 101 22.02 5.19 -11.73
C PRO A 101 21.28 6.42 -12.17
N LEU A 102 20.96 7.30 -11.20
CA LEU A 102 20.57 8.63 -11.56
C LEU A 102 21.63 9.36 -12.34
N LEU A 103 21.18 10.38 -13.11
CA LEU A 103 22.12 11.30 -13.72
C LEU A 103 22.99 12.00 -12.68
N LYS A 104 22.39 12.38 -11.59
CA LYS A 104 23.16 12.85 -10.45
C LYS A 104 23.60 11.62 -9.64
N TYR A 105 24.69 11.02 -10.07
CA TYR A 105 25.13 9.67 -9.66
C TYR A 105 25.77 9.64 -8.27
N HIS A 106 26.26 10.79 -7.78
CA HIS A 106 27.21 10.79 -6.68
C HIS A 106 26.85 9.97 -5.44
N HIS A 107 25.60 10.07 -4.97
CA HIS A 107 25.19 9.31 -3.76
C HIS A 107 24.28 8.16 -4.12
N CYS A 108 24.30 7.76 -5.36
CA CYS A 108 23.47 6.67 -5.85
C CYS A 108 24.31 5.42 -6.10
N VAL A 109 25.43 5.50 -6.81
CA VAL A 109 26.14 4.31 -7.31
C VAL A 109 26.70 3.50 -6.16
N GLY A 110 27.47 4.08 -5.28
CA GLY A 110 28.00 3.33 -4.18
C GLY A 110 26.94 2.84 -3.21
N GLU A 111 25.91 3.66 -2.99
CA GLU A 111 24.89 3.25 -2.04
C GLU A 111 24.09 2.05 -2.57
N LYS A 112 23.91 1.94 -3.87
CA LYS A 112 23.21 0.77 -4.45
C LYS A 112 24.02 -0.50 -4.17
N TYR A 113 25.33 -0.43 -4.35
CA TYR A 113 26.21 -1.59 -4.12
C TYR A 113 26.12 -1.99 -2.66
N ARG A 114 26.17 -1.02 -1.74
CA ARG A 114 26.07 -1.29 -0.30
C ARG A 114 24.69 -1.84 0.07
N TRP A 115 23.62 -1.35 -0.55
CA TRP A 115 22.31 -1.85 -0.27
C TRP A 115 22.20 -3.31 -0.62
N VAL A 116 22.72 -3.69 -1.80
CA VAL A 116 22.74 -5.11 -2.16
C VAL A 116 23.56 -5.93 -1.19
N GLU A 117 24.77 -5.41 -0.86
CA GLU A 117 25.61 -6.15 0.07
C GLU A 117 24.90 -6.44 1.37
N GLN A 118 24.26 -5.40 1.93
CA GLN A 118 23.59 -5.57 3.20
C GLN A 118 22.36 -6.45 3.13
N HIS A 119 21.53 -6.26 2.10
CA HIS A 119 20.27 -6.99 2.07
C HIS A 119 20.36 -8.39 1.48
N LEU A 120 21.27 -8.61 0.53
CA LEU A 120 21.41 -9.87 -0.18
C LEU A 120 22.80 -10.51 -0.06
N GLY A 121 23.83 -9.79 0.36
CA GLY A 121 25.12 -10.37 0.59
C GLY A 121 26.07 -10.22 -0.57
N PRO A 122 27.34 -10.54 -0.32
CA PRO A 122 28.39 -10.34 -1.31
C PRO A 122 28.21 -11.09 -2.64
N GLN A 123 27.57 -12.24 -2.62
CA GLN A 123 27.38 -13.00 -3.86
C GLN A 123 26.47 -12.25 -4.81
N PHE A 124 25.53 -11.50 -4.27
CA PHE A 124 24.67 -10.73 -5.16
C PHE A 124 25.35 -9.43 -5.61
N VAL A 125 26.28 -8.85 -4.83
CA VAL A 125 27.01 -7.68 -5.31
C VAL A 125 27.70 -7.98 -6.63
N GLU A 126 28.24 -9.18 -6.76
CA GLU A 126 28.91 -9.59 -7.99
C GLU A 126 27.98 -9.72 -9.18
N ARG A 127 26.68 -9.69 -8.97
CA ARG A 127 25.69 -9.81 -10.05
CA ARG A 127 25.59 -9.83 -9.92
C ARG A 127 25.01 -8.51 -10.37
N ILE A 128 25.57 -7.39 -9.85
CA ILE A 128 25.04 -6.08 -10.26
C ILE A 128 25.58 -5.68 -11.63
N ILE A 129 24.69 -5.14 -12.45
CA ILE A 129 25.03 -4.46 -13.70
C ILE A 129 24.43 -3.09 -13.59
N LEU A 130 25.27 -2.07 -13.57
CA LEU A 130 24.83 -0.68 -13.59
C LEU A 130 24.92 -0.15 -15.00
N THR A 131 23.80 0.33 -15.53
CA THR A 131 23.76 0.81 -16.93
C THR A 131 22.60 1.71 -17.12
N ARG A 132 22.76 2.73 -17.97
CA ARG A 132 21.64 3.56 -18.41
C ARG A 132 20.92 3.01 -19.63
N ASP A 133 21.42 1.92 -20.17
CA ASP A 133 20.85 1.24 -21.34
C ASP A 133 20.78 -0.26 -21.01
N LYS A 134 19.59 -0.73 -20.67
CA LYS A 134 19.40 -2.15 -20.35
C LYS A 134 19.23 -2.98 -21.60
N THR A 135 18.96 -2.34 -22.75
CA THR A 135 18.74 -3.09 -23.99
C THR A 135 20.02 -3.73 -24.51
N VAL A 136 21.19 -3.26 -24.09
CA VAL A 136 22.46 -3.86 -24.48
C VAL A 136 22.90 -4.94 -23.50
N VAL A 137 22.08 -5.38 -22.60
CA VAL A 137 22.33 -6.48 -21.66
C VAL A 137 21.52 -7.69 -22.13
N LEU A 138 22.24 -8.80 -22.32
CA LEU A 138 21.66 -10.03 -22.83
CA LEU A 138 21.75 -10.06 -22.76
C LEU A 138 20.97 -10.82 -21.72
N GLY A 139 19.72 -11.17 -21.97
CA GLY A 139 19.00 -12.03 -21.05
C GLY A 139 17.68 -12.49 -21.65
N ASP A 140 17.00 -13.39 -20.97
CA ASP A 140 15.72 -13.85 -21.40
C ASP A 140 14.55 -13.01 -20.90
N LEU A 141 14.68 -12.43 -19.74
CA LEU A 141 13.62 -11.70 -19.08
C LEU A 141 14.22 -10.50 -18.39
N LEU A 142 13.46 -9.41 -18.38
CA LEU A 142 13.76 -8.19 -17.61
C LEU A 142 12.49 -7.86 -16.79
N ILE A 143 12.61 -7.99 -15.47
CA ILE A 143 11.49 -7.67 -14.59
C ILE A 143 11.74 -6.24 -14.09
N ASP A 144 10.90 -5.28 -14.51
CA ASP A 144 11.22 -3.85 -14.35
C ASP A 144 9.92 -3.10 -14.27
N ASP A 145 9.80 -2.11 -13.37
CA ASP A 145 8.61 -1.32 -13.21
C ASP A 145 8.47 -0.19 -14.22
N LYS A 146 9.53 0.13 -14.95
CA LYS A 146 9.45 1.18 -15.96
C LYS A 146 8.54 0.73 -17.11
N ASP A 147 7.62 1.61 -17.56
CA ASP A 147 6.61 1.16 -18.48
C ASP A 147 7.15 0.85 -19.86
N THR A 148 8.23 1.52 -20.23
CA THR A 148 8.94 1.22 -21.45
C THR A 148 10.42 1.14 -21.10
N VAL A 149 11.14 0.19 -21.63
CA VAL A 149 12.58 0.07 -21.42
C VAL A 149 13.26 0.11 -22.79
N ARG A 150 13.92 1.22 -23.06
CA ARG A 150 14.41 1.56 -24.38
C ARG A 150 15.90 1.85 -24.38
N GLY A 151 16.49 1.77 -25.56
CA GLY A 151 17.94 1.98 -25.69
C GLY A 151 18.36 1.66 -27.11
N GLN A 152 19.63 1.36 -27.25
CA GLN A 152 20.17 1.24 -28.60
C GLN A 152 19.74 -0.01 -29.31
N GLU A 153 19.34 -1.07 -28.64
CA GLU A 153 18.82 -2.26 -29.36
C GLU A 153 17.30 -2.10 -29.56
N GLU A 154 16.88 -2.00 -30.84
CA GLU A 154 15.45 -1.84 -31.11
C GLU A 154 14.65 -3.06 -30.67
N THR A 155 15.31 -4.23 -30.71
CA THR A 155 14.69 -5.49 -30.34
C THR A 155 15.56 -6.15 -29.27
N PRO A 156 15.31 -5.82 -28.03
CA PRO A 156 16.12 -6.42 -26.97
C PRO A 156 16.00 -7.92 -26.94
N SER A 157 17.05 -8.57 -26.45
CA SER A 157 17.01 -10.04 -26.26
C SER A 157 15.92 -10.49 -25.31
N TRP A 158 15.72 -9.68 -24.25
CA TRP A 158 14.82 -10.08 -23.17
C TRP A 158 13.38 -9.67 -23.47
N GLU A 159 12.46 -10.37 -22.84
CA GLU A 159 11.07 -10.03 -22.73
C GLU A 159 10.89 -9.15 -21.50
N HIS A 160 10.36 -7.96 -21.64
CA HIS A 160 10.06 -7.09 -20.49
C HIS A 160 8.80 -7.57 -19.80
N ILE A 161 8.94 -7.90 -18.55
CA ILE A 161 7.85 -8.22 -17.65
C ILE A 161 7.63 -6.98 -16.76
N LEU A 162 6.53 -6.29 -17.00
CA LEU A 162 6.22 -5.09 -16.19
C LEU A 162 5.95 -5.53 -14.78
N PHE A 163 6.69 -5.00 -13.81
CA PHE A 163 6.45 -5.24 -12.40
C PHE A 163 5.55 -4.14 -11.87
N THR A 164 4.40 -4.51 -11.30
CA THR A 164 3.43 -3.50 -10.89
C THR A 164 3.96 -2.62 -9.77
N CYS A 165 3.73 -1.34 -9.94
CA CYS A 165 4.19 -0.29 -9.02
CA CYS A 165 4.11 -0.31 -9.01
C CYS A 165 3.13 0.81 -9.07
N CYS A 166 3.03 1.64 -8.05
CA CYS A 166 2.00 2.70 -8.00
C CYS A 166 1.90 3.49 -9.30
N HIS A 167 3.04 3.87 -9.90
CA HIS A 167 3.02 4.79 -11.05
C HIS A 167 2.58 4.13 -12.35
N ASN A 168 2.63 2.79 -12.42
CA ASN A 168 2.26 2.04 -13.64
C ASN A 168 0.95 1.28 -13.45
N ARG A 169 0.33 1.31 -12.26
CA ARG A 169 -0.83 0.45 -11.98
C ARG A 169 -1.97 0.71 -12.94
N HIS A 170 -2.13 1.98 -13.37
CA HIS A 170 -3.22 2.40 -14.22
C HIS A 170 -3.13 1.81 -15.62
N LEU A 171 -1.96 1.41 -16.06
CA LEU A 171 -1.81 0.87 -17.41
C LEU A 171 -2.49 -0.49 -17.52
N VAL A 172 -3.01 -0.77 -18.70
CA VAL A 172 -3.56 -2.06 -19.05
C VAL A 172 -2.76 -2.64 -20.21
N LEU A 173 -2.13 -3.79 -19.92
CA LEU A 173 -1.31 -4.41 -20.95
C LEU A 173 -2.24 -5.13 -21.95
N PRO A 174 -1.85 -5.22 -23.20
CA PRO A 174 -2.62 -6.02 -24.16
C PRO A 174 -2.38 -7.48 -23.85
N PRO A 175 -3.26 -8.33 -24.38
CA PRO A 175 -3.16 -9.76 -24.09
C PRO A 175 -1.87 -10.42 -24.54
N THR A 176 -1.07 -9.77 -25.37
CA THR A 176 0.19 -10.30 -25.85
C THR A 176 1.35 -10.03 -24.89
N ARG A 177 1.05 -9.39 -23.77
CA ARG A 177 2.04 -9.08 -22.77
C ARG A 177 1.59 -9.53 -21.38
N ARG A 178 2.59 -9.63 -20.49
CA ARG A 178 2.40 -10.04 -19.13
CA ARG A 178 2.42 -10.06 -19.13
C ARG A 178 2.94 -9.06 -18.09
N ARG A 179 2.22 -8.95 -17.01
CA ARG A 179 2.46 -8.14 -15.84
C ARG A 179 2.74 -9.08 -14.68
N LEU A 180 3.73 -8.84 -13.84
CA LEU A 180 3.84 -9.41 -12.51
CA LEU A 180 3.78 -9.39 -12.52
C LEU A 180 3.14 -8.44 -11.55
N LEU A 181 2.08 -8.90 -10.89
CA LEU A 181 1.35 -8.05 -9.96
C LEU A 181 2.18 -7.76 -8.72
N SER A 182 3.01 -8.68 -8.30
CA SER A 182 3.83 -8.64 -7.09
C SER A 182 4.72 -9.85 -7.12
N TRP A 183 5.58 -10.01 -6.12
CA TRP A 183 6.45 -11.19 -6.04
C TRP A 183 5.70 -12.44 -5.63
N SER A 184 4.53 -12.38 -5.11
CA SER A 184 3.60 -13.51 -4.93
CA SER A 184 3.56 -13.45 -4.89
C SER A 184 2.87 -13.91 -6.16
N ASP A 185 2.94 -13.35 -7.36
N ASP A 185 3.06 -13.14 -7.18
CA ASP A 185 2.16 -13.54 -8.58
CA ASP A 185 2.47 -13.63 -8.43
C ASP A 185 2.80 -14.54 -9.58
C ASP A 185 3.41 -14.76 -8.88
N ASN A 186 3.32 -15.62 -9.00
N ASN A 186 3.01 -15.42 -9.94
CA ASN A 186 3.79 -16.84 -9.67
CA ASN A 186 3.67 -16.70 -10.24
C ASN A 186 4.82 -16.55 -10.74
C ASN A 186 4.84 -16.42 -11.15
N TRP A 187 5.90 -15.88 -10.44
CA TRP A 187 7.07 -15.61 -11.30
C TRP A 187 7.72 -16.89 -11.83
N ARG A 188 7.62 -18.00 -11.09
CA ARG A 188 8.25 -19.23 -11.58
C ARG A 188 7.67 -19.64 -12.91
N GLU A 189 6.38 -19.41 -13.17
CA GLU A 189 5.77 -19.81 -14.42
C GLU A 189 6.32 -18.99 -15.59
N ILE A 190 6.62 -17.71 -15.35
CA ILE A 190 7.24 -16.87 -16.38
C ILE A 190 8.63 -17.38 -16.74
N LEU A 191 9.44 -17.72 -15.74
CA LEU A 191 10.74 -18.31 -16.04
C LEU A 191 10.58 -19.63 -16.80
N ASP A 192 9.60 -20.45 -16.39
CA ASP A 192 9.40 -21.74 -17.03
C ASP A 192 9.06 -21.60 -18.50
N SER A 193 8.45 -20.54 -18.92
CA SER A 193 8.16 -20.34 -20.34
C SER A 193 9.40 -20.19 -21.18
N LYS A 194 10.56 -19.94 -20.58
CA LYS A 194 11.79 -19.80 -21.31
C LYS A 194 12.70 -21.02 -21.27
N ARG A 195 12.25 -22.08 -20.60
CA ARG A 195 13.03 -23.30 -20.47
C ARG A 195 12.76 -24.25 -21.61
N SER B 4 -29.29 2.49 -9.12
CA SER B 4 -28.43 3.04 -8.03
C SER B 4 -27.55 2.03 -7.33
N VAL B 5 -26.28 2.39 -7.18
CA VAL B 5 -25.30 1.55 -6.45
C VAL B 5 -25.19 2.02 -5.01
N ARG B 6 -25.39 1.08 -4.09
CA ARG B 6 -25.34 1.43 -2.66
C ARG B 6 -24.02 0.90 -2.08
N VAL B 7 -23.29 1.84 -1.51
CA VAL B 7 -21.98 1.58 -0.96
C VAL B 7 -22.06 1.74 0.57
N LEU B 8 -21.72 0.68 1.27
CA LEU B 8 -21.58 0.67 2.73
C LEU B 8 -20.12 0.95 3.03
N VAL B 9 -19.88 2.03 3.76
CA VAL B 9 -18.53 2.46 4.03
C VAL B 9 -18.28 2.23 5.52
N ASP B 10 -17.31 1.42 5.86
CA ASP B 10 -16.91 1.20 7.25
C ASP B 10 -16.39 2.47 7.86
N MET B 11 -16.38 2.52 9.19
CA MET B 11 -15.86 3.68 9.93
C MET B 11 -14.46 3.42 10.42
N ASP B 12 -14.25 2.60 11.44
CA ASP B 12 -12.88 2.39 11.95
C ASP B 12 -12.03 1.74 10.89
N GLY B 13 -10.88 2.37 10.63
CA GLY B 13 -9.93 1.84 9.65
C GLY B 13 -10.17 2.29 8.24
N VAL B 14 -11.29 2.96 7.98
CA VAL B 14 -11.68 3.39 6.64
C VAL B 14 -11.97 4.88 6.64
N LEU B 15 -12.75 5.38 7.58
CA LEU B 15 -12.99 6.82 7.79
C LEU B 15 -12.17 7.40 8.90
N ALA B 16 -12.12 6.68 10.02
CA ALA B 16 -11.51 7.10 11.28
C ALA B 16 -10.34 6.22 11.62
N ASP B 17 -9.20 6.80 12.01
CA ASP B 17 -7.98 6.04 12.18
C ASP B 17 -7.86 5.52 13.61
N PHE B 18 -8.57 4.43 13.81
CA PHE B 18 -8.60 3.73 15.09
C PHE B 18 -7.21 3.28 15.50
N GLU B 19 -6.50 2.57 14.60
CA GLU B 19 -5.21 2.02 14.99
C GLU B 19 -4.20 3.09 15.40
N ALA B 20 -4.12 4.18 14.67
CA ALA B 20 -3.20 5.25 15.05
C ALA B 20 -3.65 5.88 16.36
N GLY B 21 -4.96 6.04 16.56
CA GLY B 21 -5.43 6.60 17.84
C GLY B 21 -5.12 5.67 19.00
N LEU B 22 -5.30 4.38 18.76
CA LEU B 22 -4.98 3.40 19.82
C LEU B 22 -3.53 3.48 20.25
N LEU B 23 -2.63 3.47 19.26
CA LEU B 23 -1.21 3.50 19.59
C LEU B 23 -0.85 4.81 20.29
N ARG B 24 -1.35 5.93 19.75
CA ARG B 24 -1.06 7.22 20.39
C ARG B 24 -1.55 7.24 21.82
N GLY B 25 -2.78 6.80 22.04
CA GLY B 25 -3.26 6.78 23.39
C GLY B 25 -2.55 5.84 24.33
N PHE B 26 -2.15 4.69 23.82
CA PHE B 26 -1.37 3.73 24.62
C PHE B 26 0.00 4.33 25.03
N ARG B 27 0.67 4.94 24.07
CA ARG B 27 1.99 5.50 24.42
C ARG B 27 1.87 6.65 25.40
N ARG B 28 0.77 7.41 25.32
CA ARG B 28 0.59 8.51 26.26
C ARG B 28 0.24 8.04 27.65
N ARG B 29 -0.62 7.03 27.76
CA ARG B 29 -1.08 6.53 29.04
C ARG B 29 -0.10 5.59 29.73
N PHE B 30 0.64 4.83 28.95
CA PHE B 30 1.57 3.81 29.41
C PHE B 30 2.94 4.08 28.81
N PRO B 31 3.55 5.21 29.08
CA PRO B 31 4.77 5.59 28.34
C PRO B 31 5.95 4.65 28.57
N GLU B 32 5.98 3.89 29.64
CA GLU B 32 7.09 2.98 29.89
C GLU B 32 6.98 1.67 29.11
N GLU B 33 5.79 1.31 28.65
CA GLU B 33 5.52 -0.05 28.20
C GLU B 33 5.98 -0.29 26.78
N PRO B 34 6.33 -1.51 26.42
CA PRO B 34 6.55 -1.86 25.01
C PRO B 34 5.24 -1.67 24.26
N HIS B 35 5.37 -1.38 22.97
CA HIS B 35 4.22 -1.18 22.10
C HIS B 35 4.42 -1.94 20.80
N VAL B 36 3.34 -2.00 20.02
CA VAL B 36 3.34 -2.64 18.71
C VAL B 36 3.33 -1.55 17.65
N PRO B 37 4.45 -1.29 17.00
CA PRO B 37 4.42 -0.28 15.94
C PRO B 37 3.38 -0.66 14.88
N LEU B 38 2.78 0.35 14.28
CA LEU B 38 1.79 0.07 13.28
C LEU B 38 2.27 -0.87 12.18
N GLU B 39 3.49 -0.71 11.71
CA GLU B 39 3.98 -1.57 10.66
C GLU B 39 4.09 -3.04 11.11
N GLN B 40 4.19 -3.35 12.37
CA GLN B 40 4.21 -4.71 12.90
CA GLN B 40 4.22 -4.72 12.88
C GLN B 40 2.84 -5.26 13.24
N ARG B 41 1.79 -4.47 13.09
CA ARG B 41 0.45 -4.98 13.40
C ARG B 41 0.04 -6.10 12.46
N ARG B 42 -0.46 -7.20 13.02
CA ARG B 42 -0.97 -8.34 12.31
C ARG B 42 -2.28 -8.80 12.97
N GLY B 43 -3.32 -9.03 12.20
CA GLY B 43 -4.58 -9.51 12.73
C GLY B 43 -5.46 -8.37 13.15
N PHE B 44 -6.74 -8.54 12.98
CA PHE B 44 -7.71 -7.48 13.17
C PHE B 44 -7.70 -6.91 14.58
N LEU B 45 -7.53 -7.77 15.58
CA LEU B 45 -7.69 -7.30 16.96
C LEU B 45 -6.34 -6.98 17.58
N ALA B 46 -6.06 -5.70 17.72
CA ALA B 46 -4.83 -5.26 18.36
C ALA B 46 -4.72 -5.84 19.76
N ARG B 47 -5.80 -5.89 20.50
CA ARG B 47 -5.75 -6.40 21.86
C ARG B 47 -5.09 -7.77 21.97
N GLU B 48 -5.36 -8.65 20.99
CA GLU B 48 -4.78 -10.01 21.05
C GLU B 48 -3.31 -9.97 20.69
N GLN B 49 -2.87 -9.04 19.82
CA GLN B 49 -1.41 -8.96 19.59
C GLN B 49 -0.67 -8.45 20.79
N TYR B 50 -1.29 -7.48 21.49
CA TYR B 50 -0.70 -7.02 22.72
C TYR B 50 -0.66 -8.12 23.77
N ARG B 51 -1.73 -8.93 23.86
CA ARG B 51 -1.75 -10.02 24.79
C ARG B 51 -0.57 -10.98 24.53
N ALA B 52 -0.29 -11.23 23.26
CA ALA B 52 0.80 -12.11 22.85
C ALA B 52 2.14 -11.48 23.26
N LEU B 53 2.25 -10.17 23.20
CA LEU B 53 3.49 -9.43 23.52
C LEU B 53 3.77 -9.65 25.01
N ARG B 54 2.77 -9.44 25.87
CA ARG B 54 2.84 -9.72 27.32
C ARG B 54 1.41 -9.75 27.85
N PRO B 55 0.98 -10.78 28.53
CA PRO B 55 -0.47 -10.93 28.86
C PRO B 55 -1.16 -9.71 29.46
N ASP B 56 -0.55 -8.99 30.38
CA ASP B 56 -1.25 -7.88 31.05
C ASP B 56 -1.44 -6.68 30.12
N LEU B 57 -0.78 -6.65 28.99
CA LEU B 57 -0.95 -5.53 28.04
C LEU B 57 -2.31 -5.55 27.41
N ALA B 58 -3.00 -6.68 27.37
CA ALA B 58 -4.31 -6.74 26.75
C ALA B 58 -5.30 -5.80 27.41
N ASP B 59 -5.37 -5.84 28.73
CA ASP B 59 -6.31 -4.98 29.43
C ASP B 59 -5.86 -3.53 29.33
N LYS B 60 -4.53 -3.28 29.26
CA LYS B 60 -4.02 -1.92 29.17
CA LYS B 60 -4.11 -1.89 29.22
C LYS B 60 -4.52 -1.29 27.88
N VAL B 61 -4.35 -2.03 26.79
CA VAL B 61 -4.74 -1.39 25.52
CA VAL B 61 -4.76 -1.50 25.50
C VAL B 61 -6.27 -1.31 25.45
N ALA B 62 -7.03 -2.24 26.03
CA ALA B 62 -8.48 -2.07 26.04
C ALA B 62 -8.89 -0.82 26.81
N SER B 63 -8.15 -0.48 27.85
CA SER B 63 -8.52 0.68 28.66
C SER B 63 -8.38 1.96 27.82
N VAL B 64 -7.51 1.95 26.81
CA VAL B 64 -7.40 3.10 25.93
C VAL B 64 -8.64 3.27 25.08
N TYR B 65 -9.08 2.19 24.38
CA TYR B 65 -10.16 2.35 23.41
C TYR B 65 -11.54 2.36 24.15
N GLU B 66 -11.58 2.00 25.42
CA GLU B 66 -12.80 2.07 26.22
C GLU B 66 -12.95 3.40 26.93
N ALA B 67 -11.96 4.30 26.87
CA ALA B 67 -12.00 5.54 27.61
C ALA B 67 -12.90 6.58 26.93
N PRO B 68 -13.57 7.38 27.77
CA PRO B 68 -14.29 8.52 27.24
C PRO B 68 -13.38 9.35 26.34
N GLY B 69 -13.91 9.77 25.20
CA GLY B 69 -13.20 10.62 24.27
C GLY B 69 -12.44 9.90 23.16
N PHE B 70 -12.15 8.63 23.37
CA PHE B 70 -11.30 7.88 22.44
C PHE B 70 -11.88 7.97 21.02
N PHE B 71 -13.14 7.56 20.86
CA PHE B 71 -13.73 7.59 19.52
C PHE B 71 -13.90 9.01 19.01
N LEU B 72 -14.33 9.92 19.88
CA LEU B 72 -14.60 11.29 19.45
C LEU B 72 -13.35 11.92 18.84
N ASP B 73 -12.18 11.58 19.43
CA ASP B 73 -10.94 12.27 19.09
C ASP B 73 -10.14 11.58 17.98
N LEU B 74 -10.60 10.53 17.38
CA LEU B 74 -9.86 9.92 16.28
C LEU B 74 -9.66 10.86 15.13
N GLU B 75 -8.49 10.76 14.51
CA GLU B 75 -8.28 11.54 13.31
C GLU B 75 -8.83 10.82 12.09
N PRO B 76 -9.23 11.58 11.05
CA PRO B 76 -9.69 10.93 9.83
C PRO B 76 -8.55 10.21 9.12
N ILE B 77 -8.89 9.15 8.39
CA ILE B 77 -8.01 8.46 7.46
C ILE B 77 -7.73 9.40 6.26
N PRO B 78 -6.46 9.51 5.80
CA PRO B 78 -6.18 10.45 4.70
C PRO B 78 -7.07 10.21 3.48
N GLY B 79 -7.61 11.28 2.92
CA GLY B 79 -8.41 11.15 1.72
C GLY B 79 -9.84 10.67 1.95
N ALA B 80 -10.17 10.16 3.13
CA ALA B 80 -11.44 9.47 3.32
C ALA B 80 -12.64 10.39 3.29
N LEU B 81 -12.56 11.54 3.98
CA LEU B 81 -13.68 12.42 4.02
C LEU B 81 -13.96 13.03 2.66
N ASP B 82 -12.91 13.42 1.93
CA ASP B 82 -13.13 13.94 0.60
C ASP B 82 -13.75 12.84 -0.27
N ALA B 83 -13.25 11.61 -0.19
CA ALA B 83 -13.79 10.56 -1.06
C ALA B 83 -15.23 10.29 -0.75
N VAL B 84 -15.62 10.22 0.54
CA VAL B 84 -17.03 9.98 0.89
CA VAL B 84 -17.04 9.91 0.84
C VAL B 84 -17.94 11.09 0.46
N ARG B 85 -17.49 12.32 0.54
CA ARG B 85 -18.20 13.50 0.05
CA ARG B 85 -18.21 13.47 0.04
C ARG B 85 -18.45 13.40 -1.45
N GLU B 86 -17.42 13.09 -2.22
CA GLU B 86 -17.54 12.94 -3.67
C GLU B 86 -18.44 11.75 -4.00
N MET B 87 -18.21 10.61 -3.34
CA MET B 87 -19.04 9.45 -3.64
C MET B 87 -20.51 9.73 -3.41
N ASN B 88 -20.86 10.42 -2.33
CA ASN B 88 -22.26 10.69 -1.94
C ASN B 88 -22.93 11.56 -2.98
N ASP B 89 -22.13 12.36 -3.66
CA ASP B 89 -22.70 13.23 -4.71
C ASP B 89 -22.71 12.60 -6.08
N LEU B 90 -22.18 11.40 -6.30
CA LEU B 90 -22.21 10.82 -7.64
C LEU B 90 -23.63 10.50 -8.06
N PRO B 91 -23.96 10.67 -9.31
CA PRO B 91 -25.28 10.19 -9.78
C PRO B 91 -25.45 8.70 -9.50
N ASP B 92 -26.70 8.34 -9.21
CA ASP B 92 -27.11 6.95 -9.03
C ASP B 92 -26.20 6.22 -8.03
N THR B 93 -25.89 6.85 -6.94
CA THR B 93 -25.05 6.32 -5.87
C THR B 93 -25.63 6.71 -4.51
N GLN B 94 -25.68 5.77 -3.59
CA GLN B 94 -26.05 6.06 -2.21
CA GLN B 94 -26.20 5.77 -2.23
C GLN B 94 -25.03 5.43 -1.28
N VAL B 95 -24.77 6.17 -0.23
CA VAL B 95 -23.76 5.86 0.77
C VAL B 95 -24.38 5.71 2.13
N PHE B 96 -24.00 4.68 2.84
CA PHE B 96 -24.24 4.56 4.27
C PHE B 96 -22.91 4.32 4.98
N ILE B 97 -22.78 4.82 6.19
CA ILE B 97 -21.65 4.53 7.05
C ILE B 97 -22.05 3.39 7.95
N CYS B 98 -21.47 2.21 7.78
CA CYS B 98 -21.90 1.00 8.42
C CYS B 98 -20.81 0.51 9.38
N THR B 99 -21.09 0.69 10.67
CA THR B 99 -20.06 0.57 11.70
C THR B 99 -20.58 -0.24 12.85
N SER B 100 -19.70 -1.02 13.45
CA SER B 100 -20.01 -1.85 14.61
C SER B 100 -19.55 -1.23 15.93
N PRO B 101 -20.41 -1.07 16.89
CA PRO B 101 -19.95 -0.59 18.18
C PRO B 101 -19.15 -1.67 18.88
N LEU B 102 -18.26 -1.29 19.77
CA LEU B 102 -17.68 -2.16 20.73
C LEU B 102 -18.74 -2.88 21.57
N LEU B 103 -18.43 -4.07 22.08
CA LEU B 103 -19.28 -4.64 23.12
C LEU B 103 -19.38 -3.73 24.34
N LYS B 104 -18.27 -3.10 24.71
CA LYS B 104 -18.29 -2.05 25.74
C LYS B 104 -18.71 -0.77 25.03
N TYR B 105 -20.03 -0.63 24.81
CA TYR B 105 -20.60 0.40 23.95
C TYR B 105 -20.58 1.80 24.53
N HIS B 106 -20.54 1.92 25.85
CA HIS B 106 -20.87 3.15 26.58
CA HIS B 106 -20.93 3.15 26.56
C HIS B 106 -20.31 4.42 25.95
N HIS B 107 -19.02 4.43 25.69
CA HIS B 107 -18.34 5.63 25.25
C HIS B 107 -18.03 5.56 23.74
N CYS B 108 -18.68 4.65 23.03
CA CYS B 108 -18.44 4.41 21.62
C CYS B 108 -19.62 4.95 20.79
N VAL B 109 -20.86 4.57 21.13
CA VAL B 109 -22.05 4.75 20.26
CA VAL B 109 -21.99 4.78 20.25
C VAL B 109 -22.27 6.25 20.05
N GLY B 110 -22.40 7.02 21.13
CA GLY B 110 -22.68 8.45 20.97
C GLY B 110 -21.50 9.22 20.34
N GLU B 111 -20.30 8.78 20.68
CA GLU B 111 -19.12 9.44 20.15
C GLU B 111 -18.97 9.24 18.65
N LYS B 112 -19.35 8.10 18.13
CA LYS B 112 -19.31 7.87 16.69
C LYS B 112 -20.27 8.80 15.95
N TYR B 113 -21.49 9.00 16.51
CA TYR B 113 -22.46 9.90 15.88
C TYR B 113 -21.85 11.32 15.86
N ARG B 114 -21.29 11.76 17.01
CA ARG B 114 -20.72 13.11 17.07
C ARG B 114 -19.53 13.24 16.15
N TRP B 115 -18.72 12.19 16.02
CA TRP B 115 -17.60 12.26 15.11
C TRP B 115 -18.06 12.52 13.68
N VAL B 116 -19.09 11.79 13.25
CA VAL B 116 -19.62 12.00 11.89
C VAL B 116 -20.20 13.41 11.75
N GLU B 117 -20.99 13.86 12.74
CA GLU B 117 -21.56 15.20 12.71
C GLU B 117 -20.49 16.26 12.54
N GLN B 118 -19.40 16.13 13.31
CA GLN B 118 -18.34 17.13 13.26
C GLN B 118 -17.54 17.06 11.98
N HIS B 119 -17.15 15.88 11.50
CA HIS B 119 -16.26 15.73 10.36
C HIS B 119 -16.96 15.79 9.01
N LEU B 120 -18.19 15.29 8.95
CA LEU B 120 -18.93 15.21 7.70
C LEU B 120 -20.22 16.00 7.68
N GLY B 121 -20.75 16.39 8.85
CA GLY B 121 -21.96 17.19 8.88
C GLY B 121 -23.20 16.42 9.23
N PRO B 122 -24.25 17.16 9.62
CA PRO B 122 -25.51 16.54 10.02
C PRO B 122 -26.15 15.61 9.00
N GLN B 123 -26.06 15.93 7.74
CA GLN B 123 -26.70 15.08 6.77
C GLN B 123 -26.08 13.70 6.75
N PHE B 124 -24.77 13.56 7.00
CA PHE B 124 -24.16 12.23 7.03
C PHE B 124 -24.54 11.46 8.28
N VAL B 125 -24.90 12.13 9.38
CA VAL B 125 -25.36 11.41 10.58
C VAL B 125 -26.56 10.56 10.25
N GLU B 126 -27.45 11.06 9.43
CA GLU B 126 -28.61 10.29 8.96
C GLU B 126 -28.27 9.08 8.13
N ARG B 127 -27.05 8.89 7.69
CA ARG B 127 -26.61 7.79 6.88
C ARG B 127 -25.84 6.75 7.71
N ILE B 128 -25.81 6.90 9.03
CA ILE B 128 -25.16 5.92 9.89
C ILE B 128 -26.07 4.72 10.12
N ILE B 129 -25.48 3.54 10.00
CA ILE B 129 -26.09 2.28 10.41
C ILE B 129 -25.13 1.66 11.45
N LEU B 130 -25.60 1.53 12.68
CA LEU B 130 -24.81 0.85 13.69
C LEU B 130 -25.30 -0.57 13.84
N THR B 131 -24.42 -1.54 13.69
CA THR B 131 -24.81 -2.97 13.71
C THR B 131 -23.59 -3.80 13.98
N ARG B 132 -23.79 -4.88 14.73
CA ARG B 132 -22.73 -5.90 14.90
C ARG B 132 -22.79 -6.93 13.82
N ASP B 133 -23.73 -6.88 12.93
CA ASP B 133 -23.90 -7.79 11.80
C ASP B 133 -24.14 -6.95 10.54
N LYS B 134 -23.08 -6.82 9.74
CA LYS B 134 -23.19 -6.07 8.50
C LYS B 134 -23.78 -6.90 7.37
N THR B 135 -23.85 -8.22 7.56
CA THR B 135 -24.35 -9.10 6.50
C THR B 135 -25.90 -8.99 6.33
N VAL B 136 -26.56 -8.40 7.32
CA VAL B 136 -28.01 -8.19 7.18
C VAL B 136 -28.34 -6.78 6.63
N VAL B 137 -27.32 -6.04 6.21
CA VAL B 137 -27.49 -4.75 5.56
C VAL B 137 -27.37 -4.94 4.06
N LEU B 138 -28.37 -4.57 3.29
N LEU B 138 -28.35 -4.43 3.34
CA LEU B 138 -28.43 -4.70 1.85
CA LEU B 138 -28.36 -4.48 1.90
C LEU B 138 -27.67 -3.60 1.11
C LEU B 138 -27.48 -3.45 1.24
N GLY B 139 -26.65 -3.94 0.33
CA GLY B 139 -25.92 -3.02 -0.48
C GLY B 139 -25.17 -3.74 -1.61
N ASP B 140 -24.51 -2.97 -2.49
CA ASP B 140 -23.73 -3.56 -3.58
C ASP B 140 -22.29 -3.80 -3.18
N LEU B 141 -21.74 -2.94 -2.30
CA LEU B 141 -20.35 -2.95 -1.94
C LEU B 141 -20.26 -2.64 -0.43
N LEU B 142 -19.31 -3.29 0.25
CA LEU B 142 -18.93 -2.95 1.59
C LEU B 142 -17.40 -2.71 1.57
N ILE B 143 -16.99 -1.50 1.89
CA ILE B 143 -15.56 -1.14 1.93
C ILE B 143 -15.16 -1.17 3.40
N ASP B 144 -14.39 -2.15 3.85
CA ASP B 144 -14.20 -2.49 5.25
C ASP B 144 -12.79 -3.08 5.40
N ASP B 145 -12.07 -2.67 6.44
CA ASP B 145 -10.72 -3.21 6.67
C ASP B 145 -10.69 -4.52 7.38
N LYS B 146 -11.78 -5.07 7.87
CA LYS B 146 -11.76 -6.34 8.58
C LYS B 146 -11.54 -7.44 7.56
N ASP B 147 -10.71 -8.42 7.87
CA ASP B 147 -10.27 -9.39 6.84
C ASP B 147 -11.44 -10.22 6.34
N THR B 148 -12.36 -10.61 7.18
CA THR B 148 -13.59 -11.22 6.71
CA THR B 148 -13.56 -11.38 6.90
C THR B 148 -14.74 -10.66 7.53
N VAL B 149 -15.80 -10.37 6.81
CA VAL B 149 -16.98 -9.76 7.37
C VAL B 149 -18.07 -10.79 7.35
N ARG B 150 -18.43 -11.30 8.52
CA ARG B 150 -19.37 -12.40 8.62
C ARG B 150 -20.55 -12.09 9.54
N GLY B 151 -21.57 -12.95 9.46
CA GLY B 151 -22.78 -12.77 10.18
C GLY B 151 -23.85 -13.77 9.79
N GLN B 152 -25.11 -13.44 10.01
CA GLN B 152 -26.23 -14.38 9.74
C GLN B 152 -26.53 -14.64 8.28
N GLU B 153 -26.22 -13.77 7.36
CA GLU B 153 -26.33 -14.12 5.94
C GLU B 153 -25.04 -14.75 5.43
N GLU B 154 -25.10 -16.03 5.06
CA GLU B 154 -23.91 -16.75 4.58
C GLU B 154 -23.38 -16.12 3.32
N THR B 155 -24.27 -15.57 2.47
CA THR B 155 -23.88 -14.88 1.26
C THR B 155 -24.47 -13.47 1.23
N PRO B 156 -23.70 -12.54 1.78
CA PRO B 156 -24.16 -11.16 1.79
C PRO B 156 -24.52 -10.64 0.40
N SER B 157 -25.39 -9.62 0.36
CA SER B 157 -25.78 -8.97 -0.89
C SER B 157 -24.60 -8.22 -1.52
N TRP B 158 -23.71 -7.71 -0.65
CA TRP B 158 -22.62 -6.87 -1.08
C TRP B 158 -21.38 -7.70 -1.40
N GLU B 159 -20.54 -7.12 -2.24
CA GLU B 159 -19.16 -7.55 -2.39
C GLU B 159 -18.29 -6.79 -1.39
N HIS B 160 -17.51 -7.55 -0.61
CA HIS B 160 -16.55 -6.94 0.33
C HIS B 160 -15.30 -6.53 -0.42
N ILE B 161 -14.99 -5.26 -0.36
CA ILE B 161 -13.77 -4.66 -0.81
C ILE B 161 -12.88 -4.46 0.42
N LEU B 162 -11.77 -5.12 0.48
CA LEU B 162 -10.89 -5.01 1.65
C LEU B 162 -10.12 -3.71 1.57
N PHE B 163 -10.38 -2.82 2.52
CA PHE B 163 -9.64 -1.56 2.60
C PHE B 163 -8.33 -1.82 3.33
N THR B 164 -7.22 -1.46 2.70
CA THR B 164 -5.93 -1.78 3.29
C THR B 164 -5.67 -0.98 4.54
N CYS B 165 -5.18 -1.64 5.56
CA CYS B 165 -4.81 -1.05 6.86
C CYS B 165 -3.57 -1.76 7.31
N CYS B 166 -2.85 -1.21 8.30
CA CYS B 166 -1.63 -1.83 8.79
C CYS B 166 -1.77 -3.31 9.12
N HIS B 167 -2.90 -3.66 9.72
CA HIS B 167 -3.07 -5.02 10.26
C HIS B 167 -3.44 -6.05 9.21
N ASN B 168 -3.86 -5.63 8.02
CA ASN B 168 -4.24 -6.56 6.95
C ASN B 168 -3.32 -6.51 5.70
N ARG B 169 -2.36 -5.64 5.66
CA ARG B 169 -1.54 -5.40 4.48
C ARG B 169 -0.81 -6.66 4.06
N HIS B 170 -0.41 -7.46 5.03
N HIS B 170 -0.36 -7.42 5.03
CA HIS B 170 0.29 -8.72 5.08
CA HIS B 170 0.42 -8.59 4.59
C HIS B 170 -0.49 -9.91 4.54
C HIS B 170 -0.49 -9.72 4.10
N LEU B 171 -1.79 -9.72 4.39
CA LEU B 171 -2.72 -10.76 4.02
C LEU B 171 -2.69 -11.03 2.52
N VAL B 172 -2.42 -12.30 2.24
CA VAL B 172 -2.48 -12.54 0.80
C VAL B 172 -3.78 -13.35 0.57
N LEU B 173 -4.59 -12.86 -0.34
CA LEU B 173 -5.90 -13.13 -0.82
C LEU B 173 -5.86 -13.70 -2.24
N PRO B 174 -6.90 -14.45 -2.51
CA PRO B 174 -7.05 -14.97 -3.88
C PRO B 174 -7.55 -13.79 -4.69
N PRO B 175 -7.37 -13.91 -5.99
CA PRO B 175 -7.80 -12.86 -6.93
C PRO B 175 -9.30 -12.65 -6.95
N THR B 176 -10.07 -13.52 -6.30
CA THR B 176 -11.50 -13.29 -6.13
C THR B 176 -11.76 -12.14 -5.18
N ARG B 177 -10.87 -11.92 -4.20
CA ARG B 177 -11.09 -10.81 -3.25
C ARG B 177 -10.34 -9.58 -3.71
N ARG B 178 -11.06 -8.49 -3.85
CA ARG B 178 -10.53 -7.23 -4.26
C ARG B 178 -10.18 -6.40 -3.03
N ARG B 179 -9.14 -5.61 -3.21
CA ARG B 179 -8.57 -4.71 -2.24
C ARG B 179 -8.56 -3.30 -2.77
N LEU B 180 -8.83 -2.32 -1.91
CA LEU B 180 -8.56 -0.91 -2.14
C LEU B 180 -7.34 -0.53 -1.33
N LEU B 181 -6.26 -0.03 -1.94
CA LEU B 181 -5.03 0.22 -1.22
C LEU B 181 -5.14 1.44 -0.32
N SER B 182 -5.99 2.36 -0.65
CA SER B 182 -6.16 3.65 -0.02
C SER B 182 -7.30 4.39 -0.70
N TRP B 183 -7.72 5.54 -0.16
CA TRP B 183 -8.68 6.35 -0.87
C TRP B 183 -8.13 7.07 -2.09
N SER B 184 -6.86 7.17 -2.29
CA SER B 184 -6.27 7.56 -3.59
CA SER B 184 -6.17 7.51 -3.54
C SER B 184 -6.13 6.43 -4.62
N ASP B 185 -6.49 5.19 -4.29
CA ASP B 185 -6.64 4.10 -5.23
C ASP B 185 -7.94 4.31 -5.99
N ASN B 186 -8.20 3.49 -7.00
CA ASN B 186 -9.30 3.72 -7.94
C ASN B 186 -10.62 3.13 -7.48
N TRP B 187 -11.20 3.79 -6.51
CA TRP B 187 -12.49 3.40 -5.94
C TRP B 187 -13.61 3.65 -6.93
N ARG B 188 -13.49 4.64 -7.81
CA ARG B 188 -14.59 4.89 -8.74
C ARG B 188 -14.80 3.75 -9.71
N GLU B 189 -13.69 3.17 -10.16
CA GLU B 189 -13.82 1.99 -11.04
C GLU B 189 -14.51 0.83 -10.37
N ILE B 190 -14.21 0.63 -9.08
CA ILE B 190 -14.91 -0.44 -8.36
C ILE B 190 -16.41 -0.19 -8.29
N LEU B 191 -16.82 1.05 -7.98
CA LEU B 191 -18.23 1.41 -8.05
C LEU B 191 -18.80 1.16 -9.45
N ASP B 192 -18.05 1.54 -10.46
CA ASP B 192 -18.55 1.40 -11.84
C ASP B 192 -18.77 -0.06 -12.18
N SER B 193 -18.00 -0.94 -11.55
CA SER B 193 -18.12 -2.36 -11.88
C SER B 193 -19.45 -2.90 -11.43
N LYS B 194 -20.19 -2.18 -10.61
CA LYS B 194 -21.50 -2.61 -10.16
C LYS B 194 -22.63 -1.86 -10.85
N ARG B 195 -22.38 -0.93 -11.76
CA ARG B 195 -23.44 -0.19 -12.42
C ARG B 195 -24.04 -0.86 -13.65
MG MG C . 12.73 0.46 -11.52
P PO4 D . 16.30 1.24 -11.44
O1 PO4 D . 16.23 2.72 -10.99
O2 PO4 D . 14.82 0.72 -11.52
O3 PO4 D . 17.00 0.44 -10.35
O4 PO4 D . 16.93 1.12 -12.82
C1 GOL E . 4.46 -19.97 -8.89
O1 GOL E . 4.63 -20.38 -7.64
C2 GOL E . 4.81 -20.41 -10.22
O2 GOL E . 4.54 -19.38 -11.15
C3 GOL E . 4.55 -21.81 -10.53
O3 GOL E . 5.24 -22.97 -10.20
C1 GOL F . 10.23 6.22 -9.91
O1 GOL F . 9.72 5.06 -9.32
C2 GOL F . 11.53 5.98 -10.60
O2 GOL F . 11.69 7.06 -11.47
C3 GOL F . 12.78 5.60 -9.84
O3 GOL F . 13.62 4.78 -10.73
C1 GOL G . 15.81 5.24 -16.74
O1 GOL G . 15.75 4.66 -15.45
C2 GOL G . 17.21 4.99 -17.31
O2 GOL G . 17.43 3.59 -17.52
C3 GOL G . 17.13 5.53 -18.78
O3 GOL G . 18.52 5.57 -19.13
C1 GOL H . 12.89 25.14 -12.62
O1 GOL H . 11.80 25.64 -11.86
C2 GOL H . 13.78 24.30 -11.68
O2 GOL H . 13.05 23.14 -11.20
C3 GOL H . 15.02 23.93 -12.48
O3 GOL H . 14.66 23.08 -13.58
C1 GOL I . 11.35 9.58 -10.46
O1 GOL I . 10.33 8.97 -9.68
C2 GOL I . 12.04 10.80 -9.86
O2 GOL I . 11.10 11.72 -9.28
C3 GOL I . 12.71 11.52 -11.04
O3 GOL I . 11.65 12.03 -11.82
NA NA J . 21.04 -21.24 -10.04
MG MG K . -13.07 -1.25 10.39
P PO4 L . -15.97 -0.46 12.52
O1 PO4 L . -15.32 -0.66 13.91
O2 PO4 L . -14.82 -0.77 11.48
O3 PO4 L . -16.40 0.97 12.34
O4 PO4 L . -17.08 -1.47 12.30
C1 GOL M . -12.82 -1.34 17.16
O1 GOL M . -13.88 -0.36 17.23
C2 GOL M . -13.36 -2.75 17.19
O2 GOL M . -14.28 -3.13 18.18
C3 GOL M . -12.19 -3.76 17.14
O3 GOL M . -12.56 -4.92 16.29
#